data_7SDD
#
_entry.id   7SDD
#
_cell.length_a   62.581
_cell.length_b   63.211
_cell.length_c   95.237
_cell.angle_alpha   90.000
_cell.angle_beta   90.000
_cell.angle_gamma   90.000
#
_symmetry.space_group_name_H-M   'P 21 21 21'
#
loop_
_entity.id
_entity.type
_entity.pdbx_description
1 polymer 'Myo-inositol phosphohydrolase'
2 non-polymer INOSITOL-(1,3,4,5)-TETRAKISPHOSPHATE
3 water water
#
_entity_poly.entity_id   1
_entity_poly.type   'polypeptide(L)'
_entity_poly.pdbx_seq_one_letter_code
;MKKNHHHHHHLVPRGSKLASSIVCDSTIENPCIVQDSKTQFSPVIRYREVASIADVYGGNITGINKFHLSGSEQPSEKGW
EAIAESISRKMGAETKKVIVLDLRQESHGYLNGRAITLVSVYNWINLGKSNSQSTLDQENWLTGLRSRKIVNGVLTVPQY
VAKQYSQGKSMVVSTVKNEEYYVYKKGFDYYRIFISDHRAPLDSEVDALVALIKNNPEDTWYHVHSRGGKGRTTTVFAMF
DMLKNADKVSFEEIIARQASIPPFYNLMVTNREIPELTPYYEQRLQFLIHFYEFARQSLMGYSGTWSEWKKLNI
;
_entity_poly.pdbx_strand_id   A
#
loop_
_chem_comp.id
_chem_comp.type
_chem_comp.name
_chem_comp.formula
4IP non-polymer INOSITOL-(1,3,4,5)-TETRAKISPHOSPHATE 'C6 H16 O18 P4'
#
# COMPACT_ATOMS: atom_id res chain seq x y z
N VAL A 23 -14.70 -23.37 9.53
CA VAL A 23 -15.15 -22.12 8.92
C VAL A 23 -14.61 -20.94 9.73
N CYS A 24 -14.25 -19.86 9.03
CA CYS A 24 -13.72 -18.66 9.66
C CYS A 24 -14.86 -17.83 10.27
N ASP A 25 -14.47 -16.84 11.07
CA ASP A 25 -15.46 -15.92 11.64
C ASP A 25 -14.94 -14.49 11.76
N SER A 26 -13.82 -14.17 11.13
CA SER A 26 -13.22 -12.83 11.04
C SER A 26 -12.51 -12.42 12.32
N THR A 27 -12.43 -13.28 13.34
CA THR A 27 -11.62 -12.98 14.51
C THR A 27 -10.16 -13.30 14.21
N ILE A 28 -9.27 -12.77 15.06
CA ILE A 28 -7.86 -13.09 14.86
C ILE A 28 -7.59 -14.57 15.15
N GLU A 29 -8.49 -15.24 15.89
CA GLU A 29 -8.32 -16.66 16.17
C GLU A 29 -8.76 -17.52 14.99
N ASN A 30 -9.71 -17.05 14.20
CA ASN A 30 -10.20 -17.78 13.03
C ASN A 30 -10.35 -16.82 11.86
N PRO A 31 -9.25 -16.31 11.33
CA PRO A 31 -9.32 -15.35 10.23
C PRO A 31 -9.77 -15.99 8.93
N CYS A 32 -10.22 -15.16 8.00
CA CYS A 32 -10.80 -15.61 6.75
C CYS A 32 -9.83 -15.48 5.59
N ILE A 33 -9.87 -16.45 4.68
CA ILE A 33 -9.19 -16.33 3.40
C ILE A 33 -10.12 -15.55 2.47
N VAL A 34 -9.70 -14.36 2.06
CA VAL A 34 -10.50 -13.50 1.18
C VAL A 34 -9.74 -13.32 -0.14
N GLN A 35 -10.41 -13.62 -1.24
CA GLN A 35 -9.86 -13.45 -2.58
C GLN A 35 -10.15 -12.04 -3.06
N ASP A 36 -9.08 -11.27 -3.32
CA ASP A 36 -9.20 -9.89 -3.73
C ASP A 36 -9.37 -9.74 -5.24
N SER A 37 -8.68 -10.57 -6.01
CA SER A 37 -8.81 -10.58 -7.46
C SER A 37 -10.02 -11.42 -7.87
N LYS A 38 -10.88 -10.87 -8.73
CA LYS A 38 -12.00 -11.65 -9.24
C LYS A 38 -11.50 -12.93 -9.92
N THR A 39 -10.50 -12.80 -10.79
CA THR A 39 -9.81 -13.92 -11.39
C THR A 39 -8.32 -13.58 -11.50
N GLN A 40 -7.53 -14.53 -12.02
CA GLN A 40 -6.11 -14.31 -12.22
C GLN A 40 -5.83 -13.36 -13.38
N PHE A 41 -6.85 -12.98 -14.14
CA PHE A 41 -6.71 -12.07 -15.27
C PHE A 41 -7.29 -10.70 -14.99
N SER A 42 -7.78 -10.43 -13.78
CA SER A 42 -8.49 -9.19 -13.51
CA SER A 42 -8.49 -9.19 -13.51
C SER A 42 -7.57 -8.00 -13.72
N PRO A 43 -8.06 -6.91 -14.31
CA PRO A 43 -7.20 -5.75 -14.58
C PRO A 43 -6.97 -4.90 -13.34
N VAL A 44 -6.00 -4.00 -13.47
CA VAL A 44 -5.75 -2.99 -12.46
C VAL A 44 -6.74 -1.85 -12.66
N ILE A 45 -7.45 -1.48 -11.61
CA ILE A 45 -8.49 -0.46 -11.74
C ILE A 45 -8.13 0.86 -11.07
N ARG A 46 -7.06 0.91 -10.27
CA ARG A 46 -6.63 2.17 -9.64
C ARG A 46 -5.17 2.48 -9.94
N TYR A 47 -4.71 2.14 -11.14
CA TYR A 47 -3.35 2.52 -11.54
C TYR A 47 -3.32 4.00 -11.86
N ARG A 48 -2.30 4.69 -11.37
CA ARG A 48 -2.08 6.07 -11.76
C ARG A 48 -0.63 6.44 -11.49
N GLU A 49 -0.19 7.48 -12.18
CA GLU A 49 1.16 8.04 -12.07
C GLU A 49 1.05 9.46 -11.53
N VAL A 50 1.83 9.76 -10.50
CA VAL A 50 1.75 11.06 -9.83
C VAL A 50 2.05 12.20 -10.78
N ALA A 51 2.94 12.00 -11.74
CA ALA A 51 3.29 13.08 -12.65
C ALA A 51 2.06 13.62 -13.40
N SER A 52 1.03 12.80 -13.59
CA SER A 52 -0.16 13.24 -14.31
CA SER A 52 -0.16 13.24 -14.31
C SER A 52 -0.89 14.35 -13.59
N ILE A 53 -0.62 14.55 -12.29
CA ILE A 53 -1.23 15.65 -11.56
C ILE A 53 -1.00 16.96 -12.29
N ALA A 54 0.16 17.09 -12.95
CA ALA A 54 0.51 18.34 -13.61
C ALA A 54 -0.42 18.67 -14.76
N ASP A 55 -1.19 17.69 -15.25
CA ASP A 55 -2.10 17.89 -16.37
C ASP A 55 -3.55 18.08 -15.95
N VAL A 56 -3.87 17.88 -14.67
CA VAL A 56 -5.25 17.93 -14.20
C VAL A 56 -5.45 18.96 -13.09
N TYR A 57 -4.42 19.18 -12.26
CA TYR A 57 -4.59 20.03 -11.09
C TYR A 57 -4.42 21.50 -11.45
N GLY A 58 -5.38 22.32 -11.05
CA GLY A 58 -5.42 23.73 -11.40
C GLY A 58 -4.69 24.66 -10.48
N GLY A 59 -4.04 24.15 -9.44
CA GLY A 59 -3.29 25.00 -8.53
C GLY A 59 -1.79 24.86 -8.69
N ASN A 60 -1.07 24.90 -7.57
CA ASN A 60 0.40 24.81 -7.57
C ASN A 60 0.84 23.41 -7.95
N ILE A 61 1.49 23.27 -9.09
CA ILE A 61 2.00 21.98 -9.53
C ILE A 61 3.53 21.92 -9.45
N THR A 62 4.14 22.87 -8.74
CA THR A 62 5.59 22.92 -8.62
C THR A 62 6.13 21.59 -8.11
N GLY A 63 7.13 21.07 -8.81
CA GLY A 63 7.82 19.88 -8.38
C GLY A 63 7.12 18.57 -8.62
N ILE A 64 6.05 18.55 -9.41
CA ILE A 64 5.27 17.34 -9.62
C ILE A 64 5.76 16.54 -10.82
N ASN A 65 5.98 17.21 -11.94
CA ASN A 65 6.08 16.49 -13.21
C ASN A 65 7.36 15.70 -13.36
N LYS A 66 8.25 15.72 -12.38
CA LYS A 66 9.48 14.94 -12.44
C LYS A 66 9.41 13.62 -11.70
N PHE A 67 8.34 13.38 -10.93
CA PHE A 67 8.28 12.20 -10.08
C PHE A 67 8.29 10.93 -10.91
N HIS A 68 9.02 9.93 -10.44
CA HIS A 68 9.03 8.60 -11.04
C HIS A 68 8.22 7.67 -10.15
N LEU A 69 6.90 7.86 -10.17
CA LEU A 69 6.05 7.33 -9.12
C LEU A 69 4.72 6.88 -9.70
N SER A 70 4.37 5.62 -9.48
CA SER A 70 3.08 5.06 -9.85
C SER A 70 2.47 4.35 -8.65
N GLY A 71 1.19 4.01 -8.76
CA GLY A 71 0.53 3.29 -7.68
C GLY A 71 -0.67 2.53 -8.18
N SER A 72 -1.15 1.61 -7.33
CA SER A 72 -2.29 0.78 -7.66
C SER A 72 -2.81 0.09 -6.42
N GLU A 73 -3.93 -0.61 -6.59
CA GLU A 73 -4.36 -1.61 -5.61
C GLU A 73 -3.54 -2.89 -5.80
N GLN A 74 -3.84 -3.91 -5.01
CA GLN A 74 -3.14 -5.20 -5.13
C GLN A 74 -3.41 -5.80 -6.50
N PRO A 75 -2.40 -6.05 -7.32
CA PRO A 75 -2.65 -6.60 -8.66
C PRO A 75 -2.93 -8.09 -8.66
N SER A 76 -3.71 -8.52 -9.65
CA SER A 76 -3.75 -9.92 -10.00
C SER A 76 -2.44 -10.32 -10.68
N GLU A 77 -2.29 -11.62 -10.96
CA GLU A 77 -1.14 -12.05 -11.72
C GLU A 77 -1.01 -11.26 -13.02
N LYS A 78 -2.12 -11.10 -13.74
CA LYS A 78 -2.06 -10.40 -15.01
C LYS A 78 -1.87 -8.91 -14.82
N GLY A 79 -2.35 -8.38 -13.69
CA GLY A 79 -2.13 -6.97 -13.40
C GLY A 79 -0.67 -6.60 -13.30
N TRP A 80 0.17 -7.53 -12.82
CA TRP A 80 1.60 -7.22 -12.77
C TRP A 80 2.18 -7.05 -14.17
N GLU A 81 1.66 -7.78 -15.15
CA GLU A 81 2.06 -7.56 -16.54
C GLU A 81 1.74 -6.13 -16.97
N ALA A 82 0.50 -5.70 -16.75
CA ALA A 82 0.07 -4.37 -17.19
C ALA A 82 0.89 -3.28 -16.51
N ILE A 83 1.18 -3.45 -15.22
CA ILE A 83 1.98 -2.46 -14.50
C ILE A 83 3.40 -2.39 -15.07
N ALA A 84 4.03 -3.55 -15.26
CA ALA A 84 5.37 -3.57 -15.82
C ALA A 84 5.40 -2.89 -17.18
N GLU A 85 4.37 -3.13 -18.01
CA GLU A 85 4.30 -2.50 -19.32
C GLU A 85 4.12 -0.99 -19.19
N SER A 86 3.23 -0.56 -18.30
CA SER A 86 3.02 0.87 -18.11
C SER A 86 4.31 1.57 -17.67
N ILE A 87 5.07 0.94 -16.77
CA ILE A 87 6.30 1.56 -16.29
C ILE A 87 7.34 1.61 -17.39
N SER A 88 7.44 0.54 -18.19
CA SER A 88 8.41 0.55 -19.29
C SER A 88 8.14 1.68 -20.26
N ARG A 89 6.85 1.95 -20.53
CA ARG A 89 6.49 2.99 -21.49
C ARG A 89 6.83 4.38 -20.96
N LYS A 90 6.80 4.57 -19.65
CA LYS A 90 7.10 5.88 -19.07
C LYS A 90 8.58 6.05 -18.79
N MET A 91 9.39 5.00 -18.96
CA MET A 91 10.82 5.09 -18.72
C MET A 91 11.59 4.63 -19.95
N LYS A 96 16.11 2.29 -15.85
CA LYS A 96 16.41 2.61 -14.46
C LYS A 96 15.82 1.59 -13.48
N LYS A 97 16.27 1.63 -12.23
CA LYS A 97 15.81 0.67 -11.22
C LYS A 97 14.36 0.91 -10.84
N VAL A 98 13.62 -0.18 -10.63
CA VAL A 98 12.22 -0.14 -10.21
C VAL A 98 12.09 -0.85 -8.87
N ILE A 99 11.49 -0.18 -7.89
CA ILE A 99 11.19 -0.77 -6.58
C ILE A 99 9.67 -0.81 -6.42
N VAL A 100 9.15 -2.02 -6.20
CA VAL A 100 7.75 -2.19 -5.81
C VAL A 100 7.65 -2.02 -4.31
N LEU A 101 6.85 -1.05 -3.86
CA LEU A 101 6.70 -0.73 -2.45
CA LEU A 101 6.70 -0.74 -2.46
C LEU A 101 5.37 -1.31 -1.96
N ASP A 102 5.45 -2.42 -1.24
CA ASP A 102 4.30 -3.06 -0.61
C ASP A 102 4.08 -2.42 0.74
N LEU A 103 2.97 -1.72 0.90
CA LEU A 103 2.68 -0.99 2.13
C LEU A 103 1.88 -1.79 3.14
N ARG A 104 1.69 -3.09 2.92
CA ARG A 104 0.67 -3.86 3.64
C ARG A 104 1.28 -4.63 4.80
N GLN A 105 0.86 -4.27 6.01
CA GLN A 105 1.28 -5.04 7.19
C GLN A 105 0.64 -6.43 7.21
N GLU A 106 -0.60 -6.55 6.72
CA GLU A 106 -1.34 -7.80 6.84
C GLU A 106 -0.80 -8.88 5.91
N SER A 107 -0.99 -10.13 6.31
CA SER A 107 -0.52 -11.25 5.51
C SER A 107 -1.29 -11.34 4.19
N HIS A 108 -0.57 -11.52 3.08
CA HIS A 108 -1.24 -11.60 1.79
C HIS A 108 -0.35 -12.36 0.82
N GLY A 109 -0.96 -12.79 -0.28
CA GLY A 109 -0.25 -13.55 -1.29
C GLY A 109 -1.14 -13.88 -2.45
N TYR A 110 -0.88 -15.03 -3.09
CA TYR A 110 -1.57 -15.43 -4.31
C TYR A 110 -1.93 -16.90 -4.29
N LEU A 111 -3.15 -17.21 -4.74
CA LEU A 111 -3.61 -18.56 -4.96
C LEU A 111 -4.06 -18.66 -6.41
N ASN A 112 -3.36 -19.47 -7.21
CA ASN A 112 -3.70 -19.63 -8.62
C ASN A 112 -3.78 -18.28 -9.34
N GLY A 113 -2.85 -17.39 -9.00
CA GLY A 113 -2.75 -16.11 -9.65
C GLY A 113 -3.72 -15.06 -9.16
N ARG A 114 -4.59 -15.40 -8.23
CA ARG A 114 -5.53 -14.45 -7.64
C ARG A 114 -4.95 -13.92 -6.32
N ALA A 115 -4.96 -12.61 -6.15
CA ALA A 115 -4.49 -12.05 -4.88
C ALA A 115 -5.42 -12.48 -3.75
N ILE A 116 -4.83 -12.87 -2.61
CA ILE A 116 -5.59 -13.28 -1.43
C ILE A 116 -5.02 -12.59 -0.20
N THR A 117 -5.87 -12.41 0.80
CA THR A 117 -5.51 -11.80 2.08
C THR A 117 -6.06 -12.66 3.20
N LEU A 118 -5.34 -12.68 4.32
CA LEU A 118 -5.81 -13.34 5.54
C LEU A 118 -6.42 -12.24 6.42
N VAL A 119 -7.74 -12.26 6.56
CA VAL A 119 -8.49 -11.10 7.03
C VAL A 119 -9.10 -11.40 8.39
N SER A 120 -8.78 -10.57 9.37
CA SER A 120 -9.54 -10.41 10.60
C SER A 120 -10.18 -9.03 10.59
N VAL A 121 -11.04 -8.77 11.59
CA VAL A 121 -11.86 -7.56 11.58
C VAL A 121 -11.02 -6.33 11.28
N TYR A 122 -11.50 -5.51 10.34
CA TYR A 122 -10.84 -4.30 9.83
C TYR A 122 -9.52 -4.59 9.14
N ASN A 123 -9.24 -5.87 8.85
CA ASN A 123 -8.04 -6.30 8.12
C ASN A 123 -6.78 -6.00 8.92
N TRP A 124 -6.78 -6.38 10.19
CA TRP A 124 -5.70 -6.08 11.13
C TRP A 124 -5.06 -7.35 11.68
N ILE A 125 -4.92 -8.39 10.85
CA ILE A 125 -4.43 -9.67 11.36
C ILE A 125 -3.05 -9.54 12.00
N ASN A 126 -2.21 -8.63 11.50
CA ASN A 126 -0.84 -8.50 12.01
C ASN A 126 -0.63 -7.24 12.85
N LEU A 127 -1.72 -6.59 13.28
CA LEU A 127 -1.58 -5.38 14.08
C LEU A 127 -0.83 -5.67 15.37
N GLY A 128 0.14 -4.82 15.69
CA GLY A 128 0.89 -4.94 16.92
C GLY A 128 2.08 -5.87 16.84
N LYS A 129 2.27 -6.56 15.74
CA LYS A 129 3.39 -7.48 15.59
C LYS A 129 4.62 -6.75 15.05
N SER A 130 5.78 -7.26 15.40
CA SER A 130 7.00 -6.81 14.75
C SER A 130 6.93 -7.16 13.28
N ASN A 131 7.69 -6.41 12.47
CA ASN A 131 7.69 -6.70 11.03
C ASN A 131 8.18 -8.11 10.76
N SER A 132 9.17 -8.57 11.52
N SER A 132 9.17 -8.57 11.52
CA SER A 132 9.68 -9.92 11.34
CA SER A 132 9.68 -9.93 11.34
C SER A 132 8.59 -10.94 11.59
C SER A 132 8.59 -10.96 11.60
N GLN A 133 7.79 -10.74 12.63
CA GLN A 133 6.71 -11.68 12.94
C GLN A 133 5.61 -11.61 11.88
N SER A 134 5.29 -10.41 11.39
CA SER A 134 4.32 -10.30 10.31
C SER A 134 4.74 -11.14 9.11
N THR A 135 6.01 -11.02 8.69
CA THR A 135 6.50 -11.79 7.56
C THR A 135 6.47 -13.28 7.86
N LEU A 136 6.93 -13.67 9.05
CA LEU A 136 6.91 -15.07 9.43
C LEU A 136 5.49 -15.63 9.42
N ASP A 137 4.53 -14.89 9.99
CA ASP A 137 3.16 -15.41 10.04
C ASP A 137 2.57 -15.53 8.64
N GLN A 138 2.89 -14.59 7.75
CA GLN A 138 2.39 -14.68 6.38
C GLN A 138 2.95 -15.91 5.67
N GLU A 139 4.26 -16.13 5.79
CA GLU A 139 4.89 -17.22 5.04
C GLU A 139 4.58 -18.58 5.64
N ASN A 140 4.39 -18.66 6.95
CA ASN A 140 3.86 -19.89 7.53
C ASN A 140 2.46 -20.19 6.98
N TRP A 141 1.66 -19.15 6.77
CA TRP A 141 0.33 -19.31 6.20
C TRP A 141 0.41 -19.77 4.75
N LEU A 142 1.19 -19.05 3.93
CA LEU A 142 1.32 -19.44 2.53
C LEU A 142 1.93 -20.83 2.40
N THR A 143 2.96 -21.14 3.20
CA THR A 143 3.52 -22.49 3.18
C THR A 143 2.45 -23.54 3.50
N GLY A 144 1.57 -23.22 4.46
CA GLY A 144 0.49 -24.14 4.79
C GLY A 144 -0.46 -24.36 3.62
N LEU A 145 -0.89 -23.27 2.98
CA LEU A 145 -1.76 -23.42 1.82
C LEU A 145 -1.06 -24.18 0.70
N ARG A 146 0.24 -23.93 0.51
CA ARG A 146 0.97 -24.52 -0.60
C ARG A 146 1.08 -26.02 -0.46
N SER A 147 1.03 -26.53 0.77
CA SER A 147 1.17 -27.95 1.02
C SER A 147 -0.13 -28.72 0.80
N ARG A 148 -1.24 -28.02 0.56
N ARG A 148 -1.24 -28.02 0.56
CA ARG A 148 -2.54 -28.64 0.38
CA ARG A 148 -2.54 -28.65 0.38
C ARG A 148 -2.83 -28.84 -1.10
C ARG A 148 -2.84 -28.82 -1.10
N LYS A 149 -3.56 -29.91 -1.43
CA LYS A 149 -4.04 -30.09 -2.78
C LYS A 149 -5.29 -29.25 -3.03
N ILE A 150 -6.10 -29.02 -2.00
CA ILE A 150 -7.33 -28.25 -2.09
C ILE A 150 -7.38 -27.27 -0.93
N VAL A 151 -7.61 -25.99 -1.23
CA VAL A 151 -7.82 -24.97 -0.22
C VAL A 151 -9.33 -24.73 -0.14
N ASN A 152 -9.88 -24.87 1.08
CA ASN A 152 -11.29 -24.62 1.33
C ASN A 152 -11.50 -23.25 1.96
N GLY A 153 -12.74 -22.77 1.88
CA GLY A 153 -13.11 -21.55 2.57
C GLY A 153 -12.68 -20.27 1.91
N VAL A 154 -12.45 -20.27 0.60
CA VAL A 154 -11.99 -19.07 -0.08
C VAL A 154 -13.20 -18.17 -0.35
N LEU A 155 -13.25 -17.04 0.34
CA LEU A 155 -14.35 -16.10 0.21
C LEU A 155 -14.02 -14.98 -0.76
N THR A 156 -15.04 -14.48 -1.45
CA THR A 156 -14.92 -13.22 -2.15
C THR A 156 -15.13 -12.07 -1.18
N VAL A 157 -14.73 -10.87 -1.60
CA VAL A 157 -14.94 -9.70 -0.75
C VAL A 157 -16.42 -9.50 -0.44
N PRO A 158 -17.33 -9.55 -1.42
CA PRO A 158 -18.76 -9.48 -1.07
C PRO A 158 -19.18 -10.50 -0.01
N GLN A 159 -18.77 -11.76 -0.15
CA GLN A 159 -19.14 -12.78 0.82
C GLN A 159 -18.63 -12.44 2.21
N TYR A 160 -17.37 -11.97 2.31
CA TYR A 160 -16.83 -11.61 3.60
C TYR A 160 -17.62 -10.46 4.22
N VAL A 161 -17.88 -9.41 3.43
CA VAL A 161 -18.67 -8.29 3.93
C VAL A 161 -20.03 -8.76 4.44
N ALA A 162 -20.68 -9.65 3.68
CA ALA A 162 -21.98 -10.18 4.07
C ALA A 162 -21.89 -11.24 5.17
N LYS A 163 -20.69 -11.56 5.64
CA LYS A 163 -20.48 -12.52 6.72
C LYS A 163 -20.96 -13.91 6.34
N GLN A 164 -20.84 -14.26 5.06
CA GLN A 164 -21.22 -15.59 4.57
C GLN A 164 -20.03 -16.55 4.64
N TYR A 165 -19.53 -16.71 5.87
CA TYR A 165 -18.25 -17.37 6.10
C TYR A 165 -18.23 -18.81 5.63
N SER A 166 -19.39 -19.46 5.59
CA SER A 166 -19.46 -20.87 5.23
C SER A 166 -19.69 -21.11 3.74
N GLN A 167 -19.88 -20.05 2.96
CA GLN A 167 -20.21 -20.18 1.54
C GLN A 167 -18.99 -20.05 0.64
N GLY A 168 -17.79 -20.17 1.20
CA GLY A 168 -16.59 -20.05 0.40
C GLY A 168 -16.39 -21.24 -0.51
N LYS A 169 -15.53 -21.05 -1.51
CA LYS A 169 -15.29 -22.09 -2.49
C LYS A 169 -14.08 -22.92 -2.12
N SER A 170 -14.04 -24.14 -2.65
CA SER A 170 -12.90 -25.03 -2.53
C SER A 170 -12.17 -25.04 -3.87
N MET A 171 -10.86 -24.76 -3.82
CA MET A 171 -10.07 -24.60 -5.03
C MET A 171 -8.90 -25.57 -5.04
N VAL A 172 -8.75 -26.30 -6.16
CA VAL A 172 -7.55 -27.08 -6.40
C VAL A 172 -6.35 -26.15 -6.47
N VAL A 173 -5.31 -26.47 -5.71
CA VAL A 173 -4.11 -25.65 -5.70
C VAL A 173 -3.28 -25.96 -6.95
N SER A 174 -3.10 -24.95 -7.78
CA SER A 174 -2.08 -24.98 -8.83
C SER A 174 -0.80 -24.28 -8.38
N THR A 175 -0.91 -23.05 -7.89
CA THR A 175 0.22 -22.38 -7.27
C THR A 175 -0.21 -21.62 -6.03
N VAL A 176 0.72 -21.44 -5.09
CA VAL A 176 0.56 -20.50 -3.99
C VAL A 176 1.87 -19.71 -3.96
N LYS A 177 1.76 -18.39 -4.08
CA LYS A 177 2.94 -17.55 -4.23
C LYS A 177 2.81 -16.31 -3.38
N ASN A 178 3.95 -15.75 -2.98
CA ASN A 178 3.97 -14.42 -2.38
C ASN A 178 4.17 -13.39 -3.48
N GLU A 179 3.96 -12.12 -3.13
CA GLU A 179 4.14 -11.04 -4.10
C GLU A 179 5.53 -11.06 -4.71
N GLU A 180 6.56 -11.40 -3.91
CA GLU A 180 7.93 -11.40 -4.40
C GLU A 180 8.06 -12.24 -5.67
N TYR A 181 7.37 -13.37 -5.73
CA TYR A 181 7.45 -14.24 -6.90
C TYR A 181 7.17 -13.45 -8.18
N TYR A 182 6.09 -12.66 -8.17
CA TYR A 182 5.72 -11.93 -9.39
C TYR A 182 6.57 -10.69 -9.60
N VAL A 183 6.97 -10.01 -8.51
CA VAL A 183 7.81 -8.83 -8.64
C VAL A 183 9.19 -9.21 -9.14
N TYR A 184 9.77 -10.28 -8.57
CA TYR A 184 11.07 -10.74 -9.04
C TYR A 184 11.02 -11.15 -10.51
N LYS A 185 9.90 -11.74 -10.93
CA LYS A 185 9.77 -12.19 -12.32
C LYS A 185 9.91 -11.02 -13.29
N LYS A 186 9.51 -9.83 -12.88
CA LYS A 186 9.55 -8.65 -13.74
C LYS A 186 10.90 -7.94 -13.69
N GLY A 187 11.83 -8.43 -12.88
CA GLY A 187 13.11 -7.77 -12.71
C GLY A 187 13.07 -6.58 -11.79
N PHE A 188 12.04 -6.45 -10.97
CA PHE A 188 11.89 -5.35 -10.03
C PHE A 188 12.40 -5.76 -8.65
N ASP A 189 12.77 -4.75 -7.85
CA ASP A 189 13.00 -5.01 -6.44
C ASP A 189 11.68 -4.93 -5.66
N TYR A 190 11.68 -5.55 -4.49
CA TYR A 190 10.55 -5.56 -3.57
C TYR A 190 10.98 -4.99 -2.23
N TYR A 191 10.19 -4.07 -1.69
CA TYR A 191 10.48 -3.51 -0.38
C TYR A 191 9.16 -3.27 0.35
N ARG A 192 9.06 -3.79 1.57
CA ARG A 192 7.82 -3.78 2.32
C ARG A 192 7.88 -2.74 3.44
N ILE A 193 6.84 -1.92 3.52
CA ILE A 193 6.59 -0.98 4.60
C ILE A 193 5.32 -1.46 5.28
N PHE A 194 5.40 -1.76 6.58
CA PHE A 194 4.36 -2.53 7.28
C PHE A 194 3.36 -1.57 7.92
N ILE A 195 2.42 -1.08 7.10
CA ILE A 195 1.42 -0.13 7.55
C ILE A 195 0.10 -0.86 7.78
N SER A 196 -0.54 -0.60 8.92
CA SER A 196 -1.85 -1.18 9.19
C SER A 196 -2.90 -0.53 8.29
N ASP A 197 -3.80 -1.35 7.77
CA ASP A 197 -4.92 -0.87 6.96
C ASP A 197 -5.66 0.24 7.69
N HIS A 198 -6.00 1.30 6.97
CA HIS A 198 -6.79 2.42 7.46
C HIS A 198 -6.03 3.35 8.41
N ARG A 199 -4.74 3.14 8.62
CA ARG A 199 -3.99 3.84 9.65
C ARG A 199 -2.77 4.55 9.07
N ALA A 200 -2.23 5.46 9.86
CA ALA A 200 -0.96 6.09 9.56
C ALA A 200 0.18 5.10 9.79
N PRO A 201 1.32 5.31 9.12
CA PRO A 201 2.51 4.50 9.42
C PRO A 201 3.04 4.79 10.82
N LEU A 202 3.60 3.76 11.43
CA LEU A 202 4.31 3.92 12.70
C LEU A 202 5.67 4.54 12.45
N ASP A 203 6.29 5.02 13.53
CA ASP A 203 7.53 5.78 13.38
C ASP A 203 8.62 4.96 12.70
N SER A 204 8.69 3.66 13.01
CA SER A 204 9.73 2.82 12.39
C SER A 204 9.55 2.78 10.88
N GLU A 205 8.29 2.77 10.43
CA GLU A 205 8.01 2.66 9.00
C GLU A 205 8.17 3.98 8.28
N VAL A 206 7.87 5.11 8.95
CA VAL A 206 8.25 6.40 8.38
C VAL A 206 9.76 6.49 8.21
N ASP A 207 10.51 6.18 9.29
CA ASP A 207 11.95 6.12 9.18
C ASP A 207 12.38 5.25 7.99
N ALA A 208 11.75 4.10 7.82
CA ALA A 208 12.18 3.19 6.76
C ALA A 208 11.92 3.77 5.39
N LEU A 209 10.81 4.48 5.22
CA LEU A 209 10.51 5.04 3.91
C LEU A 209 11.46 6.18 3.58
N VAL A 210 11.71 7.08 4.54
CA VAL A 210 12.62 8.20 4.28
C VAL A 210 14.01 7.67 3.92
N ALA A 211 14.48 6.65 4.66
CA ALA A 211 15.80 6.09 4.38
C ALA A 211 15.85 5.39 3.03
N LEU A 212 14.78 4.69 2.65
CA LEU A 212 14.74 4.05 1.35
C LEU A 212 14.91 5.07 0.24
N ILE A 213 14.16 6.17 0.30
CA ILE A 213 14.25 7.21 -0.71
C ILE A 213 15.66 7.79 -0.74
N LYS A 214 16.22 8.07 0.43
CA LYS A 214 17.56 8.67 0.46
C LYS A 214 18.62 7.69 -0.03
N ASN A 215 18.43 6.40 0.20
CA ASN A 215 19.44 5.40 -0.12
C ASN A 215 19.40 4.92 -1.56
N ASN A 216 18.55 5.49 -2.41
CA ASN A 216 18.45 5.09 -3.80
C ASN A 216 18.50 6.32 -4.70
N PRO A 217 18.93 6.15 -5.94
CA PRO A 217 19.08 7.31 -6.84
C PRO A 217 17.78 8.06 -7.05
N GLU A 218 17.91 9.35 -7.36
CA GLU A 218 16.76 10.22 -7.55
C GLU A 218 15.86 9.75 -8.67
N ASP A 219 16.40 9.05 -9.66
CA ASP A 219 15.63 8.58 -10.80
C ASP A 219 15.03 7.20 -10.58
N THR A 220 15.14 6.65 -9.38
CA THR A 220 14.50 5.37 -9.08
C THR A 220 12.99 5.48 -9.29
N TRP A 221 12.41 4.48 -9.95
CA TRP A 221 10.96 4.40 -10.10
C TRP A 221 10.40 3.57 -8.95
N TYR A 222 9.33 4.06 -8.34
CA TYR A 222 8.65 3.37 -7.26
C TYR A 222 7.22 3.07 -7.68
N HIS A 223 6.81 1.80 -7.59
CA HIS A 223 5.40 1.47 -7.73
C HIS A 223 4.86 1.17 -6.34
N VAL A 224 4.01 2.04 -5.83
CA VAL A 224 3.49 1.96 -4.47
C VAL A 224 2.13 1.28 -4.53
N HIS A 225 1.89 0.32 -3.65
CA HIS A 225 0.55 -0.24 -3.60
C HIS A 225 0.18 -0.69 -2.20
N SER A 226 -1.13 -0.74 -1.97
CA SER A 226 -1.72 -1.23 -0.74
C SER A 226 -2.68 -2.35 -1.11
N ARG A 227 -3.73 -2.56 -0.31
CA ARG A 227 -4.75 -3.54 -0.71
C ARG A 227 -5.70 -2.94 -1.73
N GLY A 228 -6.27 -1.78 -1.42
CA GLY A 228 -7.22 -1.11 -2.28
C GLY A 228 -6.67 0.03 -3.10
N GLY A 229 -5.38 0.33 -2.99
CA GLY A 229 -4.81 1.44 -3.71
C GLY A 229 -5.38 2.79 -3.32
N LYS A 230 -5.86 2.93 -2.08
CA LYS A 230 -6.50 4.16 -1.68
C LYS A 230 -5.70 4.78 -0.54
N GLY A 231 -6.02 4.54 0.74
CA GLY A 231 -5.51 5.36 1.83
C GLY A 231 -4.00 5.22 2.00
N ARG A 232 -3.50 3.99 2.15
CA ARG A 232 -2.07 3.84 2.40
C ARG A 232 -1.25 4.30 1.19
N THR A 233 -1.70 3.95 -0.01
CA THR A 233 -1.00 4.38 -1.21
C THR A 233 -0.95 5.90 -1.30
N THR A 234 -2.10 6.56 -1.11
CA THR A 234 -2.13 8.01 -1.25
C THR A 234 -1.38 8.69 -0.10
N THR A 235 -1.37 8.10 1.10
CA THR A 235 -0.55 8.64 2.17
C THR A 235 0.91 8.68 1.75
N VAL A 236 1.43 7.57 1.21
CA VAL A 236 2.84 7.52 0.85
C VAL A 236 3.13 8.45 -0.32
N PHE A 237 2.20 8.56 -1.29
CA PHE A 237 2.37 9.55 -2.36
C PHE A 237 2.57 10.95 -1.77
N ALA A 238 1.71 11.33 -0.82
CA ALA A 238 1.82 12.64 -0.20
C ALA A 238 3.15 12.81 0.53
N MET A 239 3.61 11.76 1.22
CA MET A 239 4.90 11.85 1.90
C MET A 239 6.05 12.05 0.91
N PHE A 240 6.05 11.32 -0.21
CA PHE A 240 7.05 11.58 -1.26
C PHE A 240 7.02 13.05 -1.66
N ASP A 241 5.81 13.57 -1.90
CA ASP A 241 5.64 14.95 -2.35
C ASP A 241 6.19 15.93 -1.33
N MET A 242 5.85 15.72 -0.05
CA MET A 242 6.32 16.61 1.01
C MET A 242 7.85 16.60 1.11
N LEU A 243 8.45 15.41 1.07
CA LEU A 243 9.91 15.34 1.21
C LEU A 243 10.61 16.15 0.13
N LYS A 244 10.04 16.27 -1.06
CA LYS A 244 10.68 17.03 -2.11
C LYS A 244 10.25 18.50 -2.14
N ASN A 245 9.00 18.80 -1.76
CA ASN A 245 8.37 20.07 -2.09
C ASN A 245 7.73 20.81 -0.94
N ALA A 246 7.85 20.34 0.30
CA ALA A 246 7.17 21.00 1.40
C ALA A 246 7.61 22.45 1.60
N ASP A 247 8.79 22.82 1.14
CA ASP A 247 9.26 24.18 1.29
C ASP A 247 8.78 25.11 0.19
N LYS A 248 8.09 24.60 -0.82
CA LYS A 248 7.61 25.39 -1.94
C LYS A 248 6.11 25.25 -2.21
N VAL A 249 5.43 24.34 -1.51
CA VAL A 249 4.02 24.06 -1.73
C VAL A 249 3.35 23.93 -0.37
N SER A 250 2.18 24.53 -0.22
CA SER A 250 1.47 24.49 1.04
C SER A 250 0.95 23.09 1.35
N PHE A 251 0.75 22.81 2.63
CA PHE A 251 0.17 21.54 3.04
C PHE A 251 -1.15 21.28 2.33
N GLU A 252 -2.00 22.30 2.25
CA GLU A 252 -3.31 22.13 1.63
C GLU A 252 -3.18 21.78 0.16
N GLU A 253 -2.23 22.39 -0.54
CA GLU A 253 -2.11 22.14 -1.96
C GLU A 253 -1.45 20.78 -2.23
N ILE A 254 -0.56 20.33 -1.36
CA ILE A 254 -0.01 18.98 -1.55
C ILE A 254 -1.14 17.95 -1.43
N ILE A 255 -1.95 18.06 -0.37
CA ILE A 255 -3.05 17.11 -0.19
C ILE A 255 -4.03 17.22 -1.35
N ALA A 256 -4.38 18.45 -1.73
CA ALA A 256 -5.36 18.65 -2.78
C ALA A 256 -4.86 18.14 -4.12
N ARG A 257 -3.58 18.34 -4.43
CA ARG A 257 -3.10 17.91 -5.73
C ARG A 257 -2.97 16.40 -5.79
N GLN A 258 -2.62 15.76 -4.68
CA GLN A 258 -2.61 14.30 -4.64
C GLN A 258 -4.02 13.73 -4.84
N ALA A 259 -5.05 14.48 -4.46
CA ALA A 259 -6.44 14.06 -4.65
C ALA A 259 -6.99 14.38 -6.02
N SER A 260 -6.19 14.98 -6.91
CA SER A 260 -6.71 15.49 -8.18
C SER A 260 -6.77 14.45 -9.28
N ILE A 261 -6.07 13.32 -9.14
CA ILE A 261 -6.12 12.27 -10.15
C ILE A 261 -6.89 11.07 -9.61
N PRO A 262 -7.56 10.31 -10.47
CA PRO A 262 -8.25 9.10 -10.01
C PRO A 262 -7.34 8.24 -9.16
N PRO A 263 -7.84 7.63 -8.08
CA PRO A 263 -9.25 7.57 -7.66
C PRO A 263 -9.71 8.75 -6.80
N PHE A 264 -9.00 9.88 -6.91
CA PHE A 264 -9.38 11.11 -6.22
C PHE A 264 -9.46 10.91 -4.71
N TYR A 265 -8.43 10.28 -4.15
CA TYR A 265 -8.41 10.02 -2.72
C TYR A 265 -7.94 11.28 -1.99
N ASN A 266 -8.80 11.81 -1.14
CA ASN A 266 -8.58 13.07 -0.44
C ASN A 266 -8.25 12.75 1.02
N LEU A 267 -7.00 12.97 1.40
CA LEU A 267 -6.57 12.69 2.76
C LEU A 267 -7.18 13.64 3.78
N MET A 268 -7.78 14.75 3.35
CA MET A 268 -8.46 15.64 4.28
C MET A 268 -9.75 15.04 4.82
N VAL A 269 -10.34 14.08 4.12
CA VAL A 269 -11.61 13.49 4.51
C VAL A 269 -11.39 12.52 5.67
N THR A 270 -12.12 12.72 6.76
CA THR A 270 -12.02 11.85 7.93
C THR A 270 -13.29 11.08 8.22
N ASN A 271 -14.35 11.29 7.44
CA ASN A 271 -15.62 10.57 7.60
C ASN A 271 -15.85 9.79 6.31
N ARG A 272 -15.60 8.49 6.35
CA ARG A 272 -15.69 7.66 5.17
C ARG A 272 -16.78 6.60 5.38
N GLU A 273 -16.79 5.60 4.50
CA GLU A 273 -17.89 4.65 4.47
C GLU A 273 -18.03 3.93 5.80
N ILE A 274 -16.92 3.59 6.46
CA ILE A 274 -16.94 2.90 7.75
C ILE A 274 -16.77 3.95 8.83
N PRO A 275 -17.82 4.32 9.56
CA PRO A 275 -17.67 5.42 10.52
C PRO A 275 -16.78 5.08 11.70
N GLU A 276 -16.72 3.82 12.11
CA GLU A 276 -15.89 3.47 13.27
C GLU A 276 -14.40 3.71 13.02
N LEU A 277 -13.99 3.91 11.76
CA LEU A 277 -12.58 4.12 11.45
C LEU A 277 -12.20 5.59 11.45
N THR A 278 -13.16 6.48 11.68
CA THR A 278 -12.86 7.91 11.70
C THR A 278 -11.69 8.29 12.60
N PRO A 279 -11.54 7.73 13.80
CA PRO A 279 -10.38 8.09 14.63
C PRO A 279 -9.04 7.82 13.94
N TYR A 280 -8.96 6.74 13.17
CA TYR A 280 -7.71 6.44 12.49
C TYR A 280 -7.48 7.36 11.31
N TYR A 281 -8.53 7.77 10.61
CA TYR A 281 -8.37 8.75 9.53
C TYR A 281 -7.96 10.11 10.09
N GLU A 282 -8.50 10.47 11.26
CA GLU A 282 -8.10 11.72 11.92
C GLU A 282 -6.64 11.68 12.33
N GLN A 283 -6.22 10.57 12.97
CA GLN A 283 -4.83 10.44 13.37
C GLN A 283 -3.89 10.42 12.17
N ARG A 284 -4.35 9.87 11.04
CA ARG A 284 -3.52 9.84 9.84
C ARG A 284 -3.31 11.23 9.27
N LEU A 285 -4.36 12.06 9.25
CA LEU A 285 -4.20 13.43 8.80
C LEU A 285 -3.32 14.22 9.76
N GLN A 286 -3.45 13.96 11.06
CA GLN A 286 -2.62 14.65 12.04
C GLN A 286 -1.15 14.31 11.86
N PHE A 287 -0.85 13.04 11.61
CA PHE A 287 0.51 12.64 11.29
C PHE A 287 1.03 13.40 10.07
N LEU A 288 0.21 13.50 9.03
CA LEU A 288 0.63 14.19 7.81
C LEU A 288 0.92 15.66 8.07
N ILE A 289 0.15 16.29 8.95
CA ILE A 289 0.47 17.66 9.35
C ILE A 289 1.90 17.72 9.90
N HIS A 290 2.23 16.79 10.80
CA HIS A 290 3.54 16.81 11.43
C HIS A 290 4.62 16.41 10.45
N PHE A 291 4.36 15.40 9.61
CA PHE A 291 5.35 15.00 8.62
C PHE A 291 5.65 16.13 7.65
N TYR A 292 4.65 16.94 7.32
CA TYR A 292 4.89 18.11 6.48
C TYR A 292 5.91 19.06 7.11
N GLU A 293 5.77 19.33 8.41
CA GLU A 293 6.70 20.24 9.08
C GLU A 293 8.11 19.63 9.13
N PHE A 294 8.20 18.33 9.43
CA PHE A 294 9.48 17.63 9.36
C PHE A 294 10.09 17.77 7.97
N ALA A 295 9.31 17.48 6.93
CA ALA A 295 9.82 17.58 5.57
C ALA A 295 10.30 19.00 5.27
N ARG A 296 9.50 19.99 5.63
CA ARG A 296 9.86 21.39 5.38
C ARG A 296 11.15 21.75 6.11
N GLN A 297 11.25 21.41 7.39
CA GLN A 297 12.46 21.72 8.13
C GLN A 297 13.65 20.98 7.57
N SER A 298 13.44 19.74 7.13
CA SER A 298 14.54 18.96 6.55
C SER A 298 15.08 19.62 5.29
N LEU A 299 14.20 20.23 4.49
CA LEU A 299 14.65 20.95 3.31
C LEU A 299 15.36 22.25 3.67
N MET A 300 15.18 22.73 4.90
CA MET A 300 15.79 23.97 5.35
C MET A 300 17.03 23.76 6.22
N GLY A 301 17.47 22.52 6.40
CA GLY A 301 18.70 22.28 7.12
C GLY A 301 18.69 21.11 8.08
N TYR A 302 17.53 20.79 8.66
CA TYR A 302 17.47 19.71 9.63
C TYR A 302 17.98 18.41 9.00
N SER A 303 18.75 17.65 9.77
CA SER A 303 19.46 16.49 9.23
C SER A 303 19.16 15.18 9.94
N GLY A 304 18.29 15.17 10.95
CA GLY A 304 17.98 13.96 11.68
C GLY A 304 16.90 13.13 11.02
N THR A 305 16.54 12.03 11.68
CA THR A 305 15.48 11.17 11.20
C THR A 305 14.12 11.66 11.72
N TRP A 306 13.06 11.11 11.13
CA TRP A 306 11.71 11.44 11.59
C TRP A 306 11.55 11.15 13.08
N SER A 307 12.00 9.97 13.51
CA SER A 307 11.85 9.61 14.93
C SER A 307 12.55 10.63 15.83
N GLU A 308 13.77 11.04 15.45
CA GLU A 308 14.50 12.03 16.23
C GLU A 308 13.77 13.36 16.26
N TRP A 309 13.33 13.83 15.09
CA TRP A 309 12.58 15.07 15.02
C TRP A 309 11.32 15.01 15.86
N LYS A 310 10.62 13.88 15.84
CA LYS A 310 9.34 13.79 16.53
C LYS A 310 9.52 13.89 18.04
N LYS A 311 10.57 13.27 18.57
CA LYS A 311 10.82 13.34 20.01
C LYS A 311 11.00 14.78 20.46
N LEU A 312 11.62 15.61 19.63
CA LEU A 312 11.93 16.99 19.97
C LEU A 312 10.81 17.98 19.68
N ASN A 313 9.90 17.66 18.76
CA ASN A 313 8.97 18.65 18.25
C ASN A 313 7.50 18.33 18.45
N ILE A 314 7.15 17.12 18.85
CA ILE A 314 5.75 16.74 18.96
C ILE A 314 5.42 16.33 20.38
C1 4IP B . -10.03 -1.05 0.96
O1 4IP B . -10.38 -2.43 1.09
C2 4IP B . -8.69 -0.81 1.63
O2 4IP B . -8.78 -1.18 2.99
C3 4IP B . -8.35 0.66 1.51
O3 4IP B . -7.08 0.94 2.08
C4 4IP B . -9.39 1.49 2.28
O4 4IP B . -8.95 2.84 2.29
C5 4IP B . -10.73 1.29 1.61
O5 4IP B . -11.69 2.04 2.36
C6 4IP B . -11.10 -0.18 1.64
O6 4IP B . -12.31 -0.42 0.92
P1 4IP B . -10.52 -3.40 -0.18
O1P 4IP B . -11.60 -2.83 -1.06
O2P 4IP B . -10.89 -4.79 0.28
O3P 4IP B . -9.23 -3.47 -0.96
P3 4IP B . -5.68 0.62 1.41
O4P 4IP B . -4.60 1.29 2.24
O5P 4IP B . -5.68 1.18 0.02
O6P 4IP B . -5.48 -0.87 1.41
P4 4IP B . -9.07 3.81 3.59
O7P 4IP B . -9.66 3.02 4.74
O8P 4IP B . -7.71 4.32 4.01
O9P 4IP B . -9.98 4.96 3.22
P5 4IP B . -12.65 3.15 1.69
OPF 4IP B . -13.09 2.65 0.33
OPG 4IP B . -11.92 4.46 1.49
OPH 4IP B . -13.82 3.36 2.61
H1 4IP B . -9.97 -0.78 -0.11
H2 4IP B . -7.90 -1.41 1.15
H3 4IP B . -8.35 0.92 0.45
H4 4IP B . -9.49 1.16 3.32
H5 4IP B . -10.72 1.63 0.56
H6 4IP B . -11.19 -0.45 2.71
#